data_2B0D
#
_entry.id   2B0D
#
_cell.length_a   48.000
_cell.length_b   48.400
_cell.length_c   63.600
_cell.angle_alpha   97.20
_cell.angle_beta   109.00
_cell.angle_gamma   106.60
#
_symmetry.space_group_name_H-M   'P 1'
#
loop_
_entity.id
_entity.type
_entity.pdbx_description
1 polymer "5'-D(*AP*AP*AP*GP*AP*AP*TP*TP*CP*TP*T)-3'"
2 polymer 'Type II restriction enzyme EcoRV'
3 non-polymer 'CALCIUM ION'
4 water water
#
loop_
_entity_poly.entity_id
_entity_poly.type
_entity_poly.pdbx_seq_one_letter_code
_entity_poly.pdbx_strand_id
1 'polydeoxyribonucleotide' (DA)(DA)(DA)(DG)(DA)(DA)(DT)(DT)(DC)(DT)(DT) C,D
2 'polypeptide(L)'
;MSLRSDLINALYDENQKYDVCGIISAEGKIYPLGSDTKVLSTIFELFSRPIINKIAEKHGYIVEEPKQQNHYPDFTLYKP
SEPNKKIAIDIKTTYTNKENEKIKFTLGGYTSFIRNNTKNIVYPFDQYIAHWIIGYVYTRVATRKSSLKTYNINELNEIP
KPYKGVKVFLQDKWVIAGDLAGSGNTTNIGSIHAHYKDFVEGKGIFDSEDEFLDYWRNYERTSQLRNDKYNNISEYRNWI
YRGRK
;
A,B
#
# COMPACT_ATOMS: atom_id res chain seq x y z
N SER C 2 -31.12 -8.56 -5.73
CA SER C 2 -30.00 -9.22 -6.39
C SER C 2 -28.75 -9.21 -5.52
N LEU C 3 -27.76 -9.98 -5.95
CA LEU C 3 -26.47 -10.06 -5.25
C LEU C 3 -25.97 -8.66 -5.08
N ARG C 4 -25.99 -7.90 -6.19
CA ARG C 4 -25.54 -6.53 -6.22
C ARG C 4 -26.30 -5.62 -5.28
N SER C 5 -27.63 -5.70 -5.31
CA SER C 5 -28.43 -4.85 -4.43
C SER C 5 -28.16 -5.23 -2.98
N ASP C 6 -28.10 -6.53 -2.73
CA ASP C 6 -27.84 -7.01 -1.39
C ASP C 6 -26.45 -6.64 -0.90
N LEU C 7 -25.47 -6.72 -1.79
CA LEU C 7 -24.09 -6.41 -1.44
C LEU C 7 -23.98 -4.96 -1.01
N ILE C 8 -24.50 -4.05 -1.82
CA ILE C 8 -24.40 -2.65 -1.45
C ILE C 8 -25.23 -2.30 -0.22
N ASN C 9 -26.32 -3.01 0.03
CA ASN C 9 -27.11 -2.75 1.23
C ASN C 9 -26.31 -3.18 2.47
N ALA C 10 -25.71 -4.37 2.38
CA ALA C 10 -24.92 -4.91 3.46
C ALA C 10 -23.70 -4.01 3.78
N LEU C 11 -23.03 -3.52 2.73
CA LEU C 11 -21.86 -2.64 2.90
C LEU C 11 -22.26 -1.32 3.51
N TYR C 12 -23.25 -0.67 2.89
CA TYR C 12 -23.78 0.60 3.36
C TYR C 12 -24.22 0.47 4.82
N ASP C 13 -24.80 -0.67 5.15
CA ASP C 13 -25.28 -0.95 6.49
C ASP C 13 -24.14 -1.18 7.51
N GLU C 14 -23.16 -2.01 7.17
CA GLU C 14 -22.04 -2.28 8.08
C GLU C 14 -21.32 -0.95 8.38
N ASN C 15 -21.20 -0.13 7.33
CA ASN C 15 -20.58 1.18 7.42
C ASN C 15 -21.33 2.04 8.43
N GLN C 16 -22.66 2.06 8.33
CA GLN C 16 -23.50 2.85 9.25
C GLN C 16 -23.41 2.36 10.68
N LYS C 17 -23.27 1.05 10.86
CA LYS C 17 -23.25 0.46 12.19
C LYS C 17 -21.93 0.31 12.93
N TYR C 18 -20.81 0.30 12.20
CA TYR C 18 -19.51 0.11 12.83
C TYR C 18 -18.41 1.10 12.47
N ASP C 19 -17.60 1.42 13.47
CA ASP C 19 -16.48 2.34 13.35
C ASP C 19 -15.21 1.62 13.77
N VAL C 20 -14.35 1.30 12.81
CA VAL C 20 -13.08 0.65 13.13
C VAL C 20 -12.23 1.68 13.91
N CYS C 21 -11.66 1.28 15.05
CA CYS C 21 -10.88 2.22 15.86
C CYS C 21 -9.43 1.76 16.18
N GLY C 22 -9.08 0.53 15.84
CA GLY C 22 -7.75 0.07 16.13
C GLY C 22 -7.47 -1.35 15.70
N ILE C 23 -6.25 -1.78 15.99
CA ILE C 23 -5.77 -3.11 15.68
C ILE C 23 -5.73 -3.82 17.01
N ILE C 24 -6.06 -5.11 17.05
CA ILE C 24 -6.05 -5.80 18.32
C ILE C 24 -5.21 -7.04 18.24
N SER C 25 -4.59 -7.37 19.38
CA SER C 25 -3.76 -8.56 19.50
C SER C 25 -4.54 -9.65 20.24
N ALA C 26 -4.06 -10.89 20.10
CA ALA C 26 -4.69 -12.02 20.76
C ALA C 26 -4.73 -11.85 22.29
N GLU C 27 -3.83 -11.01 22.81
CA GLU C 27 -3.73 -10.80 24.24
C GLU C 27 -4.64 -9.67 24.66
N GLY C 28 -5.30 -9.05 23.69
CA GLY C 28 -6.20 -7.95 23.98
C GLY C 28 -5.58 -6.56 23.96
N LYS C 29 -4.35 -6.45 23.47
CA LYS C 29 -3.73 -5.13 23.40
C LYS C 29 -4.13 -4.47 22.07
N ILE C 30 -4.61 -3.23 22.16
CA ILE C 30 -5.04 -2.50 20.99
C ILE C 30 -4.10 -1.33 20.64
N TYR C 31 -3.84 -1.20 19.36
CA TYR C 31 -3.00 -0.13 18.86
C TYR C 31 -3.89 0.73 17.95
N PRO C 32 -3.86 2.05 18.13
CA PRO C 32 -4.70 2.91 17.29
C PRO C 32 -4.31 2.86 15.81
N LEU C 33 -5.08 3.56 14.99
CA LEU C 33 -4.86 3.58 13.55
C LEU C 33 -4.32 4.94 13.09
N GLY C 34 -3.60 4.93 11.97
CA GLY C 34 -3.06 6.16 11.41
C GLY C 34 -4.14 6.83 10.59
N SER C 35 -3.85 7.99 10.03
CA SER C 35 -4.84 8.73 9.24
C SER C 35 -4.59 8.76 7.72
N ASP C 36 -3.71 7.90 7.24
CA ASP C 36 -3.36 7.86 5.83
C ASP C 36 -4.15 6.81 5.08
N THR C 37 -4.26 6.99 3.76
CA THR C 37 -5.00 6.04 2.95
C THR C 37 -4.30 4.69 2.97
N LYS C 38 -2.99 4.68 3.17
CA LYS C 38 -2.24 3.43 3.21
C LYS C 38 -2.86 2.51 4.26
N VAL C 39 -3.14 3.10 5.42
CA VAL C 39 -3.75 2.40 6.54
C VAL C 39 -5.23 2.14 6.27
N LEU C 40 -5.98 3.22 6.09
CA LEU C 40 -7.43 3.16 5.85
C LEU C 40 -7.87 2.25 4.70
N SER C 41 -7.13 2.21 3.60
CA SER C 41 -7.50 1.33 2.51
C SER C 41 -7.39 -0.11 3.01
N THR C 42 -6.32 -0.44 3.76
CA THR C 42 -6.16 -1.80 4.28
C THR C 42 -7.33 -2.12 5.17
N ILE C 43 -7.62 -1.24 6.11
CA ILE C 43 -8.74 -1.42 7.03
C ILE C 43 -10.08 -1.59 6.27
N PHE C 44 -10.37 -0.69 5.32
CA PHE C 44 -11.62 -0.77 4.55
C PHE C 44 -11.75 -2.07 3.75
N GLU C 45 -10.62 -2.64 3.32
CA GLU C 45 -10.64 -3.90 2.57
C GLU C 45 -11.02 -5.02 3.51
N LEU C 46 -10.46 -4.97 4.72
CA LEU C 46 -10.67 -5.99 5.74
C LEU C 46 -12.09 -5.94 6.30
N PHE C 47 -12.59 -4.73 6.41
CA PHE C 47 -13.93 -4.48 6.90
C PHE C 47 -14.95 -5.08 5.89
N SER C 48 -14.63 -4.96 4.60
CA SER C 48 -15.47 -5.44 3.51
C SER C 48 -15.47 -6.96 3.24
N ARG C 49 -14.32 -7.60 3.39
CA ARG C 49 -14.20 -9.04 3.14
C ARG C 49 -15.33 -9.96 3.71
N PRO C 50 -15.59 -9.93 5.04
CA PRO C 50 -16.67 -10.80 5.56
C PRO C 50 -18.08 -10.44 5.04
N ILE C 51 -18.30 -9.18 4.72
CA ILE C 51 -19.59 -8.77 4.19
C ILE C 51 -19.74 -9.40 2.78
N ILE C 52 -18.71 -9.25 1.95
CA ILE C 52 -18.71 -9.80 0.61
C ILE C 52 -18.95 -11.31 0.61
N ASN C 53 -18.23 -12.02 1.47
CA ASN C 53 -18.36 -13.47 1.58
C ASN C 53 -19.76 -13.89 2.05
N LYS C 54 -20.33 -13.15 3.00
CA LYS C 54 -21.67 -13.43 3.53
C LYS C 54 -22.76 -13.34 2.46
N ILE C 55 -22.76 -12.22 1.74
CA ILE C 55 -23.73 -11.99 0.69
C ILE C 55 -23.56 -12.94 -0.49
N ALA C 56 -22.32 -13.21 -0.88
CA ALA C 56 -22.06 -14.12 -1.99
C ALA C 56 -22.53 -15.52 -1.69
N GLU C 57 -22.28 -15.99 -0.47
CA GLU C 57 -22.70 -17.32 -0.08
C GLU C 57 -24.24 -17.38 -0.13
N LYS C 58 -24.90 -16.35 0.39
CA LYS C 58 -26.36 -16.29 0.38
C LYS C 58 -26.95 -16.33 -1.05
N HIS C 59 -26.13 -16.02 -2.03
CA HIS C 59 -26.55 -16.06 -3.42
C HIS C 59 -25.92 -17.20 -4.17
N GLY C 60 -25.21 -18.07 -3.45
CA GLY C 60 -24.57 -19.23 -4.05
C GLY C 60 -23.29 -18.98 -4.84
N TYR C 61 -22.68 -17.83 -4.65
CA TYR C 61 -21.46 -17.55 -5.36
C TYR C 61 -20.28 -17.97 -4.48
N ILE C 62 -19.25 -18.51 -5.10
CA ILE C 62 -18.05 -18.89 -4.38
C ILE C 62 -17.18 -17.63 -4.50
N VAL C 63 -16.50 -17.25 -3.42
CA VAL C 63 -15.64 -16.05 -3.44
C VAL C 63 -14.16 -16.48 -3.45
N GLU C 64 -13.37 -15.83 -4.30
CA GLU C 64 -11.94 -16.11 -4.42
C GLU C 64 -11.11 -14.86 -4.45
N GLU C 65 -10.06 -14.85 -3.65
CA GLU C 65 -9.13 -13.73 -3.59
C GLU C 65 -7.86 -14.22 -4.26
N PRO C 66 -7.02 -13.28 -4.74
CA PRO C 66 -5.79 -13.71 -5.41
C PRO C 66 -4.83 -14.47 -4.48
N LYS C 67 -4.14 -15.45 -5.06
CA LYS C 67 -3.18 -16.25 -4.32
C LYS C 67 -1.85 -15.53 -4.45
N GLN C 68 -1.68 -14.82 -5.56
CA GLN C 68 -0.46 -14.06 -5.83
C GLN C 68 -0.76 -12.59 -5.63
N GLN C 69 0.18 -11.90 -5.00
CA GLN C 69 0.04 -10.47 -4.78
C GLN C 69 0.24 -9.87 -6.16
N ASN C 70 -0.29 -8.67 -6.41
CA ASN C 70 -0.16 -8.03 -7.73
C ASN C 70 -1.10 -8.64 -8.79
N HIS C 71 -2.27 -9.07 -8.35
CA HIS C 71 -3.28 -9.64 -9.23
C HIS C 71 -4.64 -9.01 -8.98
N TYR C 72 -5.37 -8.84 -10.06
CA TYR C 72 -6.73 -8.31 -10.04
C TYR C 72 -7.64 -9.52 -10.24
N PRO C 73 -8.82 -9.54 -9.59
CA PRO C 73 -9.32 -8.50 -8.68
C PRO C 73 -9.27 -8.94 -7.22
N ASP C 74 -9.60 -8.03 -6.32
CA ASP C 74 -9.62 -8.36 -4.89
C ASP C 74 -10.45 -9.59 -4.64
N PHE C 75 -11.64 -9.60 -5.22
CA PHE C 75 -12.59 -10.70 -5.07
C PHE C 75 -13.24 -11.08 -6.39
N THR C 76 -13.20 -12.36 -6.68
CA THR C 76 -13.79 -12.95 -7.87
C THR C 76 -14.95 -13.80 -7.33
N LEU C 77 -16.17 -13.51 -7.80
CA LEU C 77 -17.35 -14.27 -7.36
C LEU C 77 -17.92 -15.05 -8.52
N TYR C 78 -18.45 -16.22 -8.24
CA TYR C 78 -19.04 -17.05 -9.29
C TYR C 78 -19.68 -18.33 -8.77
N LYS C 79 -20.88 -18.61 -9.29
CA LYS C 79 -21.58 -19.84 -8.94
C LYS C 79 -21.01 -20.83 -9.97
N PRO C 80 -20.68 -22.05 -9.52
CA PRO C 80 -20.11 -23.10 -10.38
C PRO C 80 -20.80 -23.37 -11.71
N SER C 81 -22.05 -22.95 -11.84
CA SER C 81 -22.76 -23.19 -13.10
C SER C 81 -22.52 -22.08 -14.11
N GLU C 82 -22.03 -20.94 -13.64
CA GLU C 82 -21.76 -19.79 -14.51
C GLU C 82 -20.28 -19.38 -14.48
N PRO C 83 -19.38 -20.30 -14.89
CA PRO C 83 -17.94 -20.09 -14.93
C PRO C 83 -17.51 -18.92 -15.81
N ASN C 84 -18.17 -18.73 -16.94
CA ASN C 84 -17.77 -17.63 -17.81
C ASN C 84 -18.56 -16.37 -17.50
N LYS C 85 -19.19 -16.36 -16.33
CA LYS C 85 -19.95 -15.19 -15.88
C LYS C 85 -19.44 -14.71 -14.52
N LYS C 86 -18.11 -14.68 -14.39
CA LYS C 86 -17.52 -14.25 -13.14
C LYS C 86 -17.72 -12.78 -12.94
N ILE C 87 -17.70 -12.37 -11.69
CA ILE C 87 -17.86 -10.98 -11.40
C ILE C 87 -16.62 -10.59 -10.55
N ALA C 88 -15.92 -9.56 -11.03
CA ALA C 88 -14.74 -9.02 -10.37
C ALA C 88 -15.16 -7.84 -9.52
N ILE C 89 -14.67 -7.81 -8.29
CA ILE C 89 -14.98 -6.71 -7.38
C ILE C 89 -13.66 -6.18 -6.83
N ASP C 90 -13.44 -4.88 -6.98
CA ASP C 90 -12.24 -4.26 -6.46
C ASP C 90 -12.60 -3.22 -5.42
N ILE C 91 -11.77 -3.11 -4.38
CA ILE C 91 -12.00 -2.14 -3.32
C ILE C 91 -11.04 -0.99 -3.56
N LYS C 92 -11.58 0.22 -3.73
CA LYS C 92 -10.76 1.40 -3.99
C LYS C 92 -11.00 2.42 -2.92
N THR C 93 -9.98 3.20 -2.58
CA THR C 93 -10.10 4.20 -1.54
C THR C 93 -9.42 5.50 -1.95
N THR C 94 -9.93 6.58 -1.39
CA THR C 94 -9.42 7.89 -1.61
C THR C 94 -9.94 8.69 -0.42
N TYR C 95 -9.50 9.92 -0.30
CA TYR C 95 -9.90 10.71 0.83
C TYR C 95 -10.34 12.11 0.44
N THR C 96 -10.75 12.85 1.44
CA THR C 96 -11.18 14.21 1.25
C THR C 96 -10.76 14.98 2.50
N ASN C 97 -10.44 16.25 2.36
CA ASN C 97 -10.05 17.04 3.51
C ASN C 97 -11.30 17.67 4.11
N LYS C 98 -12.36 17.74 3.31
CA LYS C 98 -13.59 18.34 3.78
C LYS C 98 -14.77 17.60 3.18
N GLU C 101 -16.91 18.64 -1.86
CA GLU C 101 -15.56 18.40 -2.35
C GLU C 101 -15.57 17.21 -3.29
N LYS C 102 -14.98 17.39 -4.45
CA LYS C 102 -14.93 16.31 -5.42
C LYS C 102 -13.85 15.31 -5.08
N ILE C 103 -13.99 14.11 -5.62
CA ILE C 103 -13.05 13.03 -5.38
C ILE C 103 -12.67 12.37 -6.71
N LYS C 104 -11.68 11.49 -6.66
CA LYS C 104 -11.21 10.76 -7.83
C LYS C 104 -10.52 9.51 -7.33
N PHE C 105 -10.63 8.42 -8.09
CA PHE C 105 -10.01 7.17 -7.71
C PHE C 105 -9.09 6.71 -8.84
N THR C 106 -8.17 5.82 -8.50
CA THR C 106 -7.29 5.22 -9.49
C THR C 106 -8.04 3.89 -9.69
N LEU C 107 -8.22 3.50 -10.95
CA LEU C 107 -8.99 2.31 -11.27
C LEU C 107 -8.23 1.16 -11.89
N GLY C 108 -7.01 0.88 -11.42
CA GLY C 108 -6.28 -0.24 -11.99
C GLY C 108 -5.51 0.13 -13.23
N GLY C 109 -4.64 -0.76 -13.67
CA GLY C 109 -3.84 -0.45 -14.83
C GLY C 109 -4.53 -0.59 -16.17
N TYR C 110 -4.11 0.22 -17.15
CA TYR C 110 -4.66 0.13 -18.50
C TYR C 110 -3.70 -0.63 -19.40
N THR C 111 -2.66 -1.24 -18.83
CA THR C 111 -1.71 -1.99 -19.66
C THR C 111 -1.62 -3.47 -19.34
N SER C 112 -2.38 -3.94 -18.35
CA SER C 112 -2.33 -5.37 -17.97
C SER C 112 -3.47 -6.22 -18.56
N PHE C 113 -4.39 -6.69 -17.72
CA PHE C 113 -5.52 -7.53 -18.17
C PHE C 113 -6.42 -6.87 -19.22
N ILE C 114 -6.59 -5.55 -19.20
CA ILE C 114 -7.45 -4.97 -20.22
C ILE C 114 -6.83 -5.11 -21.61
N ARG C 115 -5.49 -5.09 -21.69
CA ARG C 115 -4.83 -5.24 -22.97
C ARG C 115 -4.42 -6.69 -23.21
N ASN C 116 -4.38 -7.49 -22.15
CA ASN C 116 -4.04 -8.90 -22.30
C ASN C 116 -4.86 -9.79 -21.38
N ASN C 117 -5.66 -10.62 -22.03
CA ASN C 117 -6.57 -11.55 -21.37
C ASN C 117 -6.09 -12.19 -20.07
N THR C 118 -4.86 -12.69 -20.04
CA THR C 118 -4.35 -13.37 -18.85
C THR C 118 -3.32 -12.60 -18.03
N LYS C 119 -3.00 -11.40 -18.44
CA LYS C 119 -2.00 -10.57 -17.77
C LYS C 119 -2.32 -10.01 -16.37
N ASN C 120 -1.81 -10.66 -15.31
CA ASN C 120 -2.02 -10.19 -13.94
C ASN C 120 -3.45 -10.28 -13.40
N ILE C 121 -4.23 -11.20 -13.92
CA ILE C 121 -5.61 -11.32 -13.47
C ILE C 121 -5.77 -12.74 -12.97
N VAL C 122 -6.66 -12.96 -12.00
CA VAL C 122 -6.85 -14.29 -11.44
C VAL C 122 -7.37 -15.29 -12.49
N TYR C 123 -8.38 -14.87 -13.25
CA TYR C 123 -8.93 -15.71 -14.32
C TYR C 123 -8.83 -14.89 -15.59
N PRO C 124 -8.76 -15.54 -16.77
CA PRO C 124 -8.66 -14.75 -17.99
C PRO C 124 -9.78 -13.68 -18.05
N PHE C 125 -9.42 -12.49 -18.52
CA PHE C 125 -10.31 -11.35 -18.60
C PHE C 125 -11.67 -11.66 -19.19
N ASP C 126 -11.68 -12.49 -20.23
CA ASP C 126 -12.91 -12.83 -20.89
C ASP C 126 -13.86 -13.79 -20.14
N GLN C 127 -13.59 -14.10 -18.88
CA GLN C 127 -14.50 -14.97 -18.13
C GLN C 127 -15.33 -14.14 -17.19
N TYR C 128 -15.04 -12.84 -17.14
CA TYR C 128 -15.75 -11.90 -16.27
C TYR C 128 -16.79 -11.13 -17.07
N ILE C 129 -17.97 -10.98 -16.48
CA ILE C 129 -19.04 -10.27 -17.13
C ILE C 129 -19.36 -8.97 -16.45
N ALA C 130 -18.68 -8.73 -15.35
CA ALA C 130 -18.86 -7.52 -14.57
C ALA C 130 -17.62 -7.24 -13.71
N HIS C 131 -17.32 -5.95 -13.56
CA HIS C 131 -16.19 -5.48 -12.80
C HIS C 131 -16.77 -4.33 -11.99
N TRP C 132 -17.04 -4.59 -10.72
CA TRP C 132 -17.59 -3.57 -9.83
C TRP C 132 -16.52 -2.97 -8.94
N ILE C 133 -16.72 -1.72 -8.54
CA ILE C 133 -15.77 -1.04 -7.68
C ILE C 133 -16.51 -0.70 -6.42
N ILE C 134 -15.99 -1.17 -5.28
CA ILE C 134 -16.54 -0.82 -3.96
C ILE C 134 -15.62 0.37 -3.59
N GLY C 135 -16.14 1.59 -3.68
CA GLY C 135 -15.35 2.76 -3.41
C GLY C 135 -15.64 3.32 -2.04
N TYR C 136 -14.58 3.61 -1.30
CA TYR C 136 -14.69 4.20 0.04
C TYR C 136 -14.07 5.58 0.02
N VAL C 137 -14.72 6.53 0.66
CA VAL C 137 -14.18 7.87 0.74
C VAL C 137 -14.25 8.29 2.22
N TYR C 138 -13.16 8.84 2.71
CA TYR C 138 -13.12 9.29 4.08
C TYR C 138 -12.62 10.71 4.14
N THR C 139 -13.10 11.45 5.12
CA THR C 139 -12.63 12.80 5.35
C THR C 139 -11.48 12.56 6.34
N ARG C 140 -10.28 13.03 5.98
CA ARG C 140 -9.10 12.87 6.85
C ARG C 140 -9.25 13.68 8.13
N VAL C 141 -8.92 13.07 9.26
CA VAL C 141 -9.04 13.76 10.53
C VAL C 141 -7.76 13.65 11.35
N LEU C 148 -0.90 7.84 20.20
CA LEU C 148 0.43 7.25 20.24
C LEU C 148 0.52 6.16 21.30
N LYS C 149 -0.53 6.05 22.12
CA LYS C 149 -0.58 5.06 23.19
C LYS C 149 -1.31 3.81 22.76
N THR C 150 -1.34 2.82 23.63
CA THR C 150 -2.04 1.58 23.37
C THR C 150 -3.25 1.51 24.31
N TYR C 151 -4.30 0.80 23.91
CA TYR C 151 -5.50 0.72 24.75
C TYR C 151 -5.87 -0.70 25.09
N ASN C 152 -6.93 -0.82 25.90
CA ASN C 152 -7.45 -2.11 26.34
C ASN C 152 -8.89 -2.16 25.82
N ILE C 153 -9.50 -3.34 25.87
CA ILE C 153 -10.89 -3.48 25.39
C ILE C 153 -11.83 -2.55 26.14
N ASN C 154 -11.64 -2.42 27.45
CA ASN C 154 -12.50 -1.54 28.25
C ASN C 154 -12.28 -0.07 27.90
N GLU C 155 -11.62 0.19 26.79
CA GLU C 155 -11.36 1.56 26.36
C GLU C 155 -11.76 1.82 24.92
N LEU C 156 -12.40 0.84 24.28
CA LEU C 156 -12.83 0.98 22.87
C LEU C 156 -13.34 2.30 22.39
N ASN C 157 -14.15 2.99 23.18
CA ASN C 157 -14.67 4.27 22.76
C ASN C 157 -13.70 5.37 23.16
N GLU C 158 -12.65 5.07 23.78
CA GLU C 158 -11.69 6.12 24.02
C GLU C 158 -10.66 6.33 22.92
N ILE C 159 -10.74 5.39 22.05
CA ILE C 159 -9.68 5.47 21.10
C ILE C 159 -10.03 6.46 20.01
N PRO C 160 -9.16 7.47 19.75
CA PRO C 160 -9.44 8.46 18.69
C PRO C 160 -9.47 7.75 17.29
N LYS C 161 -10.46 7.97 16.46
CA LYS C 161 -10.93 7.38 15.32
C LYS C 161 -9.82 8.31 14.13
N PRO C 162 -9.42 9.22 13.38
CA PRO C 162 -8.59 8.96 12.21
C PRO C 162 -9.33 9.31 10.89
N TYR C 163 -10.66 9.36 10.94
CA TYR C 163 -11.50 9.73 9.78
C TYR C 163 -12.73 10.43 10.35
N LYS C 164 -13.25 11.38 9.60
CA LYS C 164 -14.39 12.16 10.05
C LYS C 164 -15.70 11.54 9.56
N GLY C 165 -15.64 10.96 8.37
CA GLY C 165 -16.81 10.32 7.81
C GLY C 165 -16.25 9.31 6.84
N VAL C 166 -17.08 8.37 6.39
CA VAL C 166 -16.69 7.34 5.45
C VAL C 166 -17.93 7.03 4.64
N LYS C 167 -17.80 7.03 3.32
CA LYS C 167 -18.92 6.75 2.44
C LYS C 167 -18.50 5.59 1.57
N VAL C 168 -19.47 4.74 1.24
CA VAL C 168 -19.23 3.59 0.40
C VAL C 168 -20.26 3.51 -0.73
N PHE C 169 -19.81 3.07 -1.89
CA PHE C 169 -20.67 2.89 -3.05
C PHE C 169 -20.20 1.65 -3.77
N LEU C 170 -21.08 1.10 -4.59
CA LEU C 170 -20.79 -0.07 -5.38
C LEU C 170 -21.25 0.41 -6.76
N GLN C 171 -20.33 0.47 -7.71
CA GLN C 171 -20.66 0.94 -9.05
C GLN C 171 -19.78 0.24 -10.07
N ASP C 172 -20.26 0.13 -11.30
CA ASP C 172 -19.49 -0.51 -12.36
C ASP C 172 -18.28 0.36 -12.67
N LYS C 173 -17.16 -0.30 -12.96
CA LYS C 173 -15.90 0.36 -13.28
C LYS C 173 -15.96 1.24 -14.54
N TRP C 174 -16.46 0.69 -15.65
CA TRP C 174 -16.56 1.48 -16.88
C TRP C 174 -17.42 2.72 -16.68
N VAL C 175 -18.42 2.58 -15.82
CA VAL C 175 -19.39 3.62 -15.49
C VAL C 175 -18.82 4.85 -14.75
N ILE C 176 -17.89 4.63 -13.84
CA ILE C 176 -17.28 5.75 -13.10
C ILE C 176 -15.92 6.14 -13.70
N ALA C 177 -15.49 5.35 -14.69
CA ALA C 177 -14.23 5.58 -15.36
C ALA C 177 -14.22 6.96 -16.03
N GLY C 178 -13.04 7.61 -15.99
CA GLY C 178 -12.86 8.91 -16.60
C GLY C 178 -11.95 8.77 -17.81
N ASP C 179 -11.59 9.89 -18.43
CA ASP C 179 -10.72 9.83 -19.60
C ASP C 179 -9.23 10.16 -19.36
N LEU C 180 -8.89 10.60 -18.16
CA LEU C 180 -7.51 10.95 -17.84
C LEU C 180 -6.90 9.93 -16.88
N ALA C 181 -5.63 9.58 -17.13
CA ALA C 181 -4.89 8.62 -16.33
C ALA C 181 -4.99 8.90 -14.83
N GLY C 182 -5.09 7.82 -14.05
CA GLY C 182 -5.16 7.97 -12.61
C GLY C 182 -3.76 8.20 -12.05
N SER C 183 -2.75 7.71 -12.75
CA SER C 183 -1.34 7.90 -12.36
C SER C 183 -0.46 7.75 -13.59
N GLY C 184 0.73 8.33 -13.55
CA GLY C 184 1.64 8.23 -14.69
C GLY C 184 2.52 7.00 -14.81
N ASN C 185 3.62 7.01 -14.08
CA ASN C 185 4.59 5.91 -14.16
C ASN C 185 4.02 4.51 -13.96
N THR C 186 2.93 4.41 -13.20
CA THR C 186 2.33 3.12 -12.94
C THR C 186 1.06 2.84 -13.78
N THR C 187 0.87 3.66 -14.81
CA THR C 187 -0.22 3.53 -15.80
C THR C 187 -1.61 3.07 -15.35
N ASN C 188 -2.24 3.88 -14.52
CA ASN C 188 -3.56 3.59 -14.01
C ASN C 188 -4.65 4.37 -14.70
N ILE C 189 -5.83 3.74 -14.77
CA ILE C 189 -6.99 4.36 -15.34
C ILE C 189 -7.47 5.33 -14.24
N GLY C 190 -7.91 6.53 -14.62
CA GLY C 190 -8.39 7.47 -13.63
C GLY C 190 -9.91 7.46 -13.62
N SER C 191 -10.52 7.73 -12.47
CA SER C 191 -11.97 7.76 -12.38
C SER C 191 -12.44 9.13 -12.88
N ILE C 192 -13.74 9.42 -12.74
CA ILE C 192 -14.28 10.73 -13.10
C ILE C 192 -13.88 11.55 -11.89
N HIS C 193 -13.80 12.85 -12.03
CA HIS C 193 -13.44 13.66 -10.89
C HIS C 193 -14.73 14.37 -10.51
N ALA C 194 -15.41 13.85 -9.49
CA ALA C 194 -16.70 14.40 -9.12
C ALA C 194 -17.11 14.08 -7.70
N HIS C 195 -18.25 14.62 -7.31
CA HIS C 195 -18.81 14.40 -6.00
C HIS C 195 -19.31 12.97 -5.87
N TYR C 196 -19.31 12.51 -4.62
CA TYR C 196 -19.75 11.16 -4.25
C TYR C 196 -21.03 10.77 -5.04
N LYS C 197 -22.04 11.64 -4.99
CA LYS C 197 -23.33 11.46 -5.68
C LYS C 197 -23.19 10.97 -7.12
N ASP C 198 -22.30 11.58 -7.90
CA ASP C 198 -22.11 11.20 -9.31
C ASP C 198 -21.58 9.79 -9.47
N PHE C 199 -20.88 9.28 -8.46
CA PHE C 199 -20.40 7.90 -8.50
C PHE C 199 -21.58 6.95 -8.24
N VAL C 200 -22.39 7.29 -7.23
CA VAL C 200 -23.57 6.47 -6.88
C VAL C 200 -24.54 6.43 -8.04
N GLU C 201 -24.73 7.56 -8.68
CA GLU C 201 -25.63 7.68 -9.80
C GLU C 201 -25.10 7.21 -11.15
N GLY C 202 -23.79 6.94 -11.21
CA GLY C 202 -23.16 6.48 -12.43
C GLY C 202 -23.07 7.54 -13.51
N LYS C 203 -22.89 8.79 -13.10
CA LYS C 203 -22.76 9.89 -14.03
C LYS C 203 -21.36 9.99 -14.62
N GLY C 204 -20.97 8.99 -15.42
CA GLY C 204 -19.64 8.98 -16.02
C GLY C 204 -19.51 9.66 -17.37
N ILE C 205 -18.44 9.33 -18.11
CA ILE C 205 -18.25 9.92 -19.43
C ILE C 205 -18.39 8.96 -20.61
N PHE C 206 -18.28 7.65 -20.38
CA PHE C 206 -18.40 6.70 -21.47
C PHE C 206 -19.87 6.33 -21.67
N ASP C 207 -20.24 6.11 -22.93
CA ASP C 207 -21.60 5.73 -23.30
C ASP C 207 -21.84 4.24 -23.11
N SER C 208 -20.80 3.44 -23.27
CA SER C 208 -20.89 2.00 -23.12
C SER C 208 -19.57 1.45 -22.58
N GLU C 209 -19.61 0.18 -22.14
CA GLU C 209 -18.44 -0.51 -21.60
C GLU C 209 -17.41 -0.74 -22.71
N ASP C 210 -17.91 -0.86 -23.93
CA ASP C 210 -17.03 -1.04 -25.08
C ASP C 210 -16.28 0.24 -25.43
N GLU C 211 -16.89 1.38 -25.18
CA GLU C 211 -16.22 2.64 -25.48
C GLU C 211 -15.10 2.83 -24.44
N PHE C 212 -15.38 2.45 -23.19
CA PHE C 212 -14.43 2.54 -22.06
C PHE C 212 -13.22 1.67 -22.36
N LEU C 213 -13.49 0.42 -22.69
CA LEU C 213 -12.45 -0.53 -23.05
C LEU C 213 -11.63 -0.04 -24.25
N ASP C 214 -12.29 0.41 -25.31
CA ASP C 214 -11.58 0.88 -26.49
C ASP C 214 -10.70 2.08 -26.19
N TYR C 215 -11.26 3.04 -25.49
CA TYR C 215 -10.52 4.23 -25.13
C TYR C 215 -9.24 3.89 -24.35
N TRP C 216 -9.36 3.06 -23.31
CA TRP C 216 -8.20 2.71 -22.50
C TRP C 216 -7.29 1.67 -23.10
N ARG C 217 -7.76 0.94 -24.10
CA ARG C 217 -6.92 -0.05 -24.74
C ARG C 217 -6.01 0.60 -25.78
N ASN C 218 -6.32 1.85 -26.13
CA ASN C 218 -5.57 2.59 -27.12
C ASN C 218 -5.05 3.90 -26.61
N TYR C 219 -5.16 4.11 -25.31
CA TYR C 219 -4.66 5.34 -24.67
C TYR C 219 -3.14 5.24 -24.64
N GLU C 220 -2.45 6.31 -25.01
CA GLU C 220 -0.98 6.27 -24.99
C GLU C 220 -0.47 6.76 -23.62
N ARG C 221 0.67 6.23 -23.19
CA ARG C 221 1.28 6.53 -21.90
C ARG C 221 1.67 7.95 -21.50
N THR C 222 2.04 8.80 -22.45
CA THR C 222 2.43 10.16 -22.10
C THR C 222 1.74 11.20 -22.95
N SER C 223 1.68 12.43 -22.45
CA SER C 223 1.05 13.53 -23.17
C SER C 223 1.65 13.65 -24.56
N GLN C 224 2.97 13.54 -24.65
CA GLN C 224 3.67 13.61 -25.93
C GLN C 224 2.89 12.80 -26.95
N LEU C 225 2.78 11.51 -26.68
CA LEU C 225 2.05 10.59 -27.55
C LEU C 225 0.58 10.99 -27.75
N ARG C 226 -0.15 11.06 -26.63
CA ARG C 226 -1.56 11.42 -26.66
C ARG C 226 -1.84 12.65 -27.52
N ASN C 227 -0.90 13.61 -27.51
CA ASN C 227 -1.02 14.86 -28.27
C ASN C 227 -1.14 14.65 -29.78
N ASP C 228 -0.86 13.44 -30.25
CA ASP C 228 -0.96 13.14 -31.66
C ASP C 228 -2.11 12.15 -31.97
N LYS C 229 -2.68 11.56 -30.92
CA LYS C 229 -3.76 10.59 -31.06
C LYS C 229 -5.00 11.19 -30.39
N TYR C 230 -5.08 11.06 -29.07
CA TYR C 230 -6.17 11.65 -28.32
C TYR C 230 -5.81 11.72 -26.85
N ASN C 231 -6.21 12.82 -26.23
CA ASN C 231 -5.93 13.04 -24.84
C ASN C 231 -7.16 12.92 -23.98
N ASN C 232 -8.31 13.24 -24.55
CA ASN C 232 -9.56 13.17 -23.81
C ASN C 232 -10.66 12.46 -24.60
N ILE C 233 -11.88 12.51 -24.08
CA ILE C 233 -13.00 11.84 -24.70
C ILE C 233 -13.41 12.50 -26.02
N SER C 234 -13.45 13.82 -26.05
CA SER C 234 -13.81 14.49 -27.28
C SER C 234 -12.86 14.09 -28.38
N GLU C 235 -11.55 14.24 -28.13
CA GLU C 235 -10.50 13.89 -29.10
C GLU C 235 -10.54 12.44 -29.52
N TYR C 236 -10.88 11.57 -28.58
CA TYR C 236 -11.00 10.15 -28.88
C TYR C 236 -12.18 9.92 -29.86
N ARG C 237 -13.32 10.58 -29.63
CA ARG C 237 -14.49 10.45 -30.52
C ARG C 237 -14.24 11.02 -31.92
N ASN C 238 -13.48 12.11 -32.00
CA ASN C 238 -13.10 12.69 -33.29
C ASN C 238 -12.14 11.70 -33.96
N TRP C 239 -11.30 11.08 -33.14
CA TRP C 239 -10.33 10.08 -33.60
C TRP C 239 -11.05 8.83 -34.18
N ILE C 240 -12.17 8.50 -33.55
CA ILE C 240 -13.01 7.37 -33.95
C ILE C 240 -13.73 7.78 -35.25
N TYR C 241 -14.22 9.02 -35.27
CA TYR C 241 -14.95 9.54 -36.41
C TYR C 241 -14.14 9.51 -37.70
N ARG C 242 -12.88 9.92 -37.61
CA ARG C 242 -12.00 9.95 -38.77
C ARG C 242 -11.51 8.59 -39.26
N GLY C 243 -11.67 7.56 -38.44
CA GLY C 243 -11.24 6.24 -38.84
C GLY C 243 -10.09 5.72 -38.00
N ARG C 244 -9.94 6.30 -36.81
CA ARG C 244 -8.87 5.93 -35.85
C ARG C 244 -7.62 6.58 -36.46
N LYS C 245 -8.06 7.98 -37.19
CA LYS C 245 -7.05 8.79 -37.97
C LYS C 245 -6.72 10.16 -37.43
N SER D 2 21.53 3.26 24.65
CA SER D 2 21.19 4.45 23.88
C SER D 2 19.73 4.39 23.40
N LEU D 3 19.34 5.41 22.63
CA LEU D 3 18.03 5.53 22.02
C LEU D 3 17.92 4.30 21.12
N ARG D 4 18.94 4.11 20.30
CA ARG D 4 19.01 3.01 19.38
C ARG D 4 18.91 1.64 20.04
N SER D 5 19.71 1.38 21.06
CA SER D 5 19.69 0.05 21.70
C SER D 5 18.38 -0.21 22.42
N ASP D 6 17.88 0.82 23.09
CA ASP D 6 16.63 0.78 23.82
C ASP D 6 15.49 0.53 22.82
N LEU D 7 15.52 1.22 21.69
CA LEU D 7 14.50 1.08 20.66
C LEU D 7 14.47 -0.37 20.17
N ILE D 8 15.64 -0.85 19.78
CA ILE D 8 15.76 -2.22 19.31
C ILE D 8 15.26 -3.16 20.40
N ASN D 9 15.66 -2.91 21.64
CA ASN D 9 15.25 -3.72 22.79
C ASN D 9 13.72 -3.77 22.88
N ALA D 10 13.13 -2.58 22.80
CA ALA D 10 11.70 -2.38 22.87
C ALA D 10 10.95 -3.15 21.78
N LEU D 11 11.39 -2.99 20.54
CA LEU D 11 10.76 -3.67 19.43
C LEU D 11 10.79 -5.19 19.57
N TYR D 12 11.94 -5.75 19.96
CA TYR D 12 12.05 -7.20 20.10
C TYR D 12 11.07 -7.75 21.15
N ASP D 13 10.99 -7.07 22.28
CA ASP D 13 10.12 -7.49 23.36
C ASP D 13 8.63 -7.44 22.97
N GLU D 14 8.25 -6.35 22.30
CA GLU D 14 6.87 -6.16 21.86
C GLU D 14 6.47 -7.24 20.88
N ASN D 15 7.25 -7.35 19.81
CA ASN D 15 6.99 -8.35 18.79
C ASN D 15 6.91 -9.75 19.42
N GLN D 16 7.63 -9.91 20.53
CA GLN D 16 7.68 -11.18 21.25
C GLN D 16 6.46 -11.35 22.18
N LYS D 17 5.94 -10.24 22.68
CA LYS D 17 4.83 -10.30 23.60
C LYS D 17 3.47 -10.27 22.95
N TYR D 18 3.36 -9.63 21.81
CA TYR D 18 2.05 -9.52 21.15
C TYR D 18 1.91 -10.00 19.72
N ASP D 19 0.80 -10.67 19.46
CA ASP D 19 0.43 -11.22 18.15
C ASP D 19 -0.77 -10.47 17.68
N VAL D 20 -0.58 -9.60 16.72
CA VAL D 20 -1.68 -8.84 16.18
C VAL D 20 -2.60 -9.82 15.44
N CYS D 21 -3.90 -9.76 15.71
CA CYS D 21 -4.83 -10.70 15.10
C CYS D 21 -6.06 -10.16 14.37
N GLY D 22 -6.39 -8.88 14.52
CA GLY D 22 -7.53 -8.36 13.79
C GLY D 22 -7.73 -6.88 14.00
N ILE D 23 -8.66 -6.28 13.26
CA ILE D 23 -8.99 -4.87 13.47
C ILE D 23 -10.26 -4.87 14.31
N ILE D 24 -10.35 -3.91 15.23
CA ILE D 24 -11.50 -3.84 16.10
C ILE D 24 -12.28 -2.54 15.96
N SER D 25 -13.60 -2.63 16.06
CA SER D 25 -14.45 -1.45 15.98
C SER D 25 -14.85 -1.02 17.38
N ALA D 26 -15.17 0.25 17.55
CA ALA D 26 -15.57 0.78 18.86
C ALA D 26 -16.69 -0.03 19.52
N GLU D 27 -17.43 -0.79 18.71
CA GLU D 27 -18.55 -1.62 19.13
C GLU D 27 -18.14 -3.03 19.57
N GLY D 28 -16.87 -3.40 19.35
CA GLY D 28 -16.40 -4.71 19.77
C GLY D 28 -16.35 -5.78 18.69
N LYS D 29 -16.80 -5.45 17.48
CA LYS D 29 -16.74 -6.45 16.42
C LYS D 29 -15.35 -6.43 15.82
N ILE D 30 -14.78 -7.61 15.65
CA ILE D 30 -13.44 -7.77 15.13
C ILE D 30 -13.42 -8.41 13.76
N TYR D 31 -12.67 -7.81 12.85
CA TYR D 31 -12.50 -8.34 11.51
C TYR D 31 -11.08 -8.95 11.37
N PRO D 32 -10.99 -10.21 10.90
CA PRO D 32 -9.66 -10.80 10.76
C PRO D 32 -8.75 -10.04 9.77
N LEU D 33 -7.46 -10.36 9.79
CA LEU D 33 -6.49 -9.70 8.94
C LEU D 33 -6.20 -10.49 7.68
N GLY D 34 -5.72 -9.79 6.65
CA GLY D 34 -5.33 -10.47 5.43
C GLY D 34 -3.90 -10.96 5.67
N SER D 35 -3.38 -11.83 4.83
CA SER D 35 -2.02 -12.33 5.06
C SER D 35 -1.00 -11.90 3.98
N ASP D 36 -1.28 -10.79 3.33
CA ASP D 36 -0.40 -10.27 2.29
C ASP D 36 0.35 -9.08 2.86
N THR D 37 1.50 -8.78 2.26
CA THR D 37 2.31 -7.68 2.74
C THR D 37 1.59 -6.34 2.78
N LYS D 38 0.72 -6.06 1.81
CA LYS D 38 -0.03 -4.79 1.79
C LYS D 38 -0.72 -4.58 3.12
N VAL D 39 -1.27 -5.66 3.67
CA VAL D 39 -1.97 -5.59 4.94
C VAL D 39 -0.97 -5.59 6.11
N LEU D 40 -0.13 -6.63 6.14
CA LEU D 40 0.87 -6.77 7.18
C LEU D 40 1.79 -5.56 7.35
N SER D 41 2.22 -4.95 6.26
CA SER D 41 3.08 -3.78 6.38
C SER D 41 2.37 -2.70 7.20
N THR D 42 1.08 -2.49 6.91
CA THR D 42 0.25 -1.52 7.63
C THR D 42 0.14 -1.90 9.11
N ILE D 43 -0.06 -3.19 9.36
CA ILE D 43 -0.19 -3.72 10.72
C ILE D 43 1.12 -3.54 11.52
N PHE D 44 2.24 -3.79 10.86
CA PHE D 44 3.55 -3.68 11.48
C PHE D 44 3.92 -2.27 11.85
N GLU D 45 3.56 -1.31 10.99
CA GLU D 45 3.82 0.10 11.23
C GLU D 45 3.04 0.59 12.44
N LEU D 46 1.75 0.29 12.47
CA LEU D 46 0.90 0.74 13.57
C LEU D 46 1.32 0.11 14.90
N PHE D 47 1.82 -1.10 14.82
CA PHE D 47 2.30 -1.85 15.99
C PHE D 47 3.56 -1.13 16.62
N SER D 48 4.45 -0.66 15.74
CA SER D 48 5.71 0.00 16.10
C SER D 48 5.56 1.41 16.63
N ARG D 49 4.62 2.17 16.09
CA ARG D 49 4.42 3.57 16.48
C ARG D 49 4.34 3.95 17.98
N PRO D 50 3.55 3.20 18.79
CA PRO D 50 3.54 3.64 20.19
C PRO D 50 4.89 3.39 20.85
N ILE D 51 5.52 2.28 20.48
CA ILE D 51 6.82 1.88 21.00
C ILE D 51 7.89 2.91 20.63
N ILE D 52 7.96 3.22 19.34
CA ILE D 52 8.92 4.21 18.84
C ILE D 52 8.71 5.48 19.66
N ASN D 53 7.44 5.75 19.96
CA ASN D 53 7.04 6.91 20.74
C ASN D 53 7.39 6.89 22.22
N LYS D 54 7.26 5.73 22.85
CA LYS D 54 7.61 5.63 24.24
C LYS D 54 9.12 5.93 24.32
N ILE D 55 9.93 5.08 23.68
CA ILE D 55 11.39 5.20 23.68
C ILE D 55 11.89 6.60 23.34
N ALA D 56 11.37 7.18 22.27
CA ALA D 56 11.78 8.53 21.91
C ALA D 56 11.56 9.48 23.09
N GLU D 57 10.44 9.29 23.79
CA GLU D 57 10.09 10.14 24.91
C GLU D 57 11.10 10.00 26.06
N LYS D 58 11.57 8.78 26.27
CA LYS D 58 12.56 8.49 27.31
C LYS D 58 13.84 9.27 27.07
N HIS D 59 14.26 9.34 25.82
CA HIS D 59 15.48 10.04 25.45
C HIS D 59 15.34 11.49 25.05
N GLY D 60 14.20 12.10 25.36
CA GLY D 60 14.00 13.49 25.01
C GLY D 60 13.85 13.85 23.54
N TYR D 61 13.36 12.90 22.75
CA TYR D 61 13.18 13.14 21.32
C TYR D 61 11.72 13.36 20.96
N ILE D 62 11.49 14.36 20.11
CA ILE D 62 10.15 14.66 19.60
C ILE D 62 10.03 13.74 18.37
N VAL D 63 8.84 13.15 18.21
CA VAL D 63 8.56 12.27 17.08
C VAL D 63 7.58 13.03 16.20
N GLU D 64 7.85 13.02 14.89
CA GLU D 64 7.01 13.67 13.89
C GLU D 64 6.81 12.70 12.75
N GLU D 65 5.56 12.59 12.32
CA GLU D 65 5.21 11.73 11.20
C GLU D 65 4.86 12.66 10.04
N PRO D 66 4.96 12.17 8.79
CA PRO D 66 4.63 13.04 7.68
C PRO D 66 3.21 13.62 7.69
N LYS D 67 3.08 14.85 7.20
CA LYS D 67 1.81 15.52 7.11
C LYS D 67 1.16 15.13 5.78
N GLN D 68 1.98 14.99 4.74
CA GLN D 68 1.53 14.60 3.42
C GLN D 68 1.73 13.11 3.28
N GLN D 69 1.06 12.49 2.32
CA GLN D 69 1.13 11.05 2.17
C GLN D 69 2.26 10.39 1.40
N ASN D 70 3.05 11.15 0.65
CA ASN D 70 4.14 10.49 -0.07
C ASN D 70 5.46 11.08 0.38
N HIS D 71 5.64 11.09 1.69
CA HIS D 71 6.83 11.65 2.33
C HIS D 71 7.61 10.69 3.21
N TYR D 72 8.93 10.79 3.11
CA TYR D 72 9.86 10.01 3.91
C TYR D 72 10.21 11.00 5.02
N PRO D 73 10.42 10.49 6.25
CA PRO D 73 10.33 9.08 6.62
C PRO D 73 9.11 8.88 7.49
N ASP D 74 8.86 7.63 7.87
CA ASP D 74 7.73 7.33 8.72
C ASP D 74 7.78 8.11 10.00
N PHE D 75 8.98 8.16 10.60
CA PHE D 75 9.20 8.91 11.83
C PHE D 75 10.48 9.74 11.82
N THR D 76 10.36 10.98 12.27
CA THR D 76 11.47 11.89 12.35
C THR D 76 11.60 12.19 13.83
N LEU D 77 12.77 11.87 14.38
CA LEU D 77 13.05 12.14 15.79
C LEU D 77 14.11 13.23 15.87
N TYR D 78 13.93 14.15 16.81
CA TYR D 78 14.88 15.24 17.00
C TYR D 78 14.71 15.91 18.37
N LYS D 79 15.84 16.34 18.94
CA LYS D 79 15.83 17.05 20.23
C LYS D 79 15.48 18.45 19.80
N PRO D 80 14.69 19.17 20.61
CA PRO D 80 14.33 20.54 20.23
C PRO D 80 15.59 21.43 20.17
N SER D 81 16.55 21.10 21.03
CA SER D 81 17.82 21.82 21.11
C SER D 81 18.70 21.55 19.92
N GLU D 82 18.59 20.36 19.33
CA GLU D 82 19.40 19.98 18.18
C GLU D 82 18.57 19.56 16.98
N PRO D 83 17.93 20.55 16.34
CA PRO D 83 17.08 20.37 15.17
C PRO D 83 17.79 19.78 13.99
N ASN D 84 19.10 20.04 13.88
CA ASN D 84 19.88 19.58 12.73
C ASN D 84 20.58 18.25 12.93
N LYS D 85 20.13 17.48 13.90
CA LYS D 85 20.68 16.15 14.18
C LYS D 85 19.51 15.18 14.30
N LYS D 86 18.65 15.25 13.29
CA LYS D 86 17.44 14.44 13.21
C LYS D 86 17.72 13.03 12.76
N ILE D 87 16.89 12.13 13.25
CA ILE D 87 16.95 10.71 12.92
C ILE D 87 15.67 10.27 12.16
N ALA D 88 15.88 9.70 10.98
CA ALA D 88 14.79 9.23 10.14
C ALA D 88 14.61 7.74 10.42
N ILE D 89 13.40 7.32 10.76
CA ILE D 89 13.14 5.91 10.99
C ILE D 89 12.03 5.52 9.99
N ASP D 90 12.31 4.48 9.22
CA ASP D 90 11.39 3.98 8.21
C ASP D 90 11.12 2.52 8.49
N ILE D 91 9.87 2.11 8.33
CA ILE D 91 9.46 0.74 8.55
C ILE D 91 9.26 0.05 7.21
N LYS D 92 9.96 -1.06 7.00
CA LYS D 92 9.92 -1.85 5.76
C LYS D 92 9.52 -3.25 6.13
N THR D 93 8.87 -3.92 5.17
CA THR D 93 8.36 -5.27 5.39
C THR D 93 8.54 -6.10 4.14
N THR D 94 8.75 -7.39 4.36
CA THR D 94 8.85 -8.38 3.32
C THR D 94 8.53 -9.66 4.06
N TYR D 95 8.46 -10.76 3.32
CA TYR D 95 8.09 -12.04 3.88
C TYR D 95 9.02 -13.13 3.39
N THR D 96 8.92 -14.29 4.05
CA THR D 96 9.66 -15.48 3.67
C THR D 96 8.58 -16.52 3.44
N ASN D 97 8.58 -17.12 2.26
CA ASN D 97 7.60 -18.17 1.94
C ASN D 97 7.83 -19.37 2.87
N LYS D 98 9.04 -19.48 3.43
CA LYS D 98 9.40 -20.58 4.32
C LYS D 98 10.17 -20.12 5.53
N GLU D 101 16.11 -18.25 5.47
CA GLU D 101 16.04 -18.25 4.02
C GLU D 101 16.42 -16.81 3.65
N LYS D 102 16.96 -16.61 2.45
CA LYS D 102 17.37 -15.28 2.03
C LYS D 102 16.19 -14.35 1.73
N ILE D 103 16.29 -13.12 2.22
CA ILE D 103 15.28 -12.10 2.04
C ILE D 103 15.88 -10.84 1.39
N LYS D 104 15.00 -9.95 0.94
CA LYS D 104 15.35 -8.68 0.31
C LYS D 104 14.25 -7.67 0.66
N PHE D 105 14.62 -6.40 0.73
CA PHE D 105 13.67 -5.34 1.06
C PHE D 105 13.82 -4.30 -0.03
N THR D 106 12.87 -3.37 -0.09
CA THR D 106 12.93 -2.22 -1.00
C THR D 106 13.18 -1.11 -0.01
N LEU D 107 14.15 -0.26 -0.28
CA LEU D 107 14.52 0.76 0.67
C LEU D 107 14.26 2.18 0.26
N GLY D 108 13.24 2.40 -0.54
CA GLY D 108 12.90 3.77 -0.90
C GLY D 108 13.43 4.25 -2.21
N GLY D 109 12.98 5.44 -2.61
CA GLY D 109 13.40 5.99 -3.87
C GLY D 109 14.84 6.43 -3.96
N TYR D 110 15.43 6.25 -5.15
CA TYR D 110 16.79 6.68 -5.35
C TYR D 110 16.84 7.95 -6.19
N THR D 111 15.67 8.52 -6.50
CA THR D 111 15.61 9.76 -7.28
C THR D 111 14.95 10.92 -6.52
N SER D 112 14.51 10.67 -5.30
CA SER D 112 13.87 11.73 -4.52
C SER D 112 14.81 12.55 -3.63
N PHE D 113 14.58 12.53 -2.31
CA PHE D 113 15.39 13.27 -1.34
C PHE D 113 16.91 13.07 -1.39
N ILE D 114 17.38 11.90 -1.85
CA ILE D 114 18.83 11.68 -1.94
C ILE D 114 19.44 12.48 -3.09
N ARG D 115 18.63 12.80 -4.10
CA ARG D 115 19.10 13.59 -5.21
C ARG D 115 18.65 15.03 -5.11
N ASN D 116 17.69 15.28 -4.22
CA ASN D 116 17.20 16.63 -3.98
C ASN D 116 16.94 16.77 -2.49
N ASN D 117 17.66 17.68 -1.85
CA ASN D 117 17.56 17.94 -0.42
C ASN D 117 16.12 18.02 0.16
N THR D 118 15.18 18.49 -0.63
CA THR D 118 13.81 18.62 -0.15
C THR D 118 12.75 17.85 -0.93
N LYS D 119 13.15 16.85 -1.70
CA LYS D 119 12.20 16.11 -2.49
C LYS D 119 11.52 14.95 -1.76
N ASN D 120 10.24 15.13 -1.43
CA ASN D 120 9.42 14.09 -0.79
C ASN D 120 9.95 13.69 0.58
N ILE D 121 10.31 14.67 1.38
CA ILE D 121 10.88 14.39 2.68
C ILE D 121 10.33 15.44 3.63
N VAL D 122 10.01 15.00 4.84
CA VAL D 122 9.44 15.86 5.86
C VAL D 122 10.34 17.06 6.18
N TYR D 123 11.62 16.80 6.36
CA TYR D 123 12.61 17.87 6.62
C TYR D 123 13.73 17.72 5.62
N PRO D 124 14.37 18.83 5.24
CA PRO D 124 15.45 18.68 4.26
C PRO D 124 16.41 17.55 4.68
N PHE D 125 16.82 16.75 3.70
CA PHE D 125 17.69 15.61 3.90
C PHE D 125 18.94 15.95 4.75
N ASP D 126 19.49 17.13 4.53
CA ASP D 126 20.67 17.52 5.27
C ASP D 126 20.45 17.75 6.76
N GLN D 127 19.20 17.64 7.23
CA GLN D 127 18.97 17.82 8.66
C GLN D 127 18.96 16.49 9.42
N TYR D 128 19.08 15.40 8.68
CA TYR D 128 19.09 14.05 9.24
C TYR D 128 20.51 13.55 9.34
N ILE D 129 20.88 13.07 10.53
CA ILE D 129 22.23 12.56 10.75
C ILE D 129 22.27 11.04 10.73
N ALA D 130 21.08 10.41 10.74
CA ALA D 130 20.95 8.96 10.70
C ALA D 130 19.64 8.56 10.03
N HIS D 131 19.67 7.44 9.32
CA HIS D 131 18.52 6.89 8.62
C HIS D 131 18.46 5.42 8.97
N TRP D 132 17.61 5.10 9.95
CA TRP D 132 17.42 3.72 10.41
C TRP D 132 16.23 3.05 9.72
N ILE D 133 16.31 1.75 9.61
CA ILE D 133 15.29 0.94 9.00
C ILE D 133 14.89 -0.09 10.04
N ILE D 134 13.59 -0.14 10.36
CA ILE D 134 13.07 -1.17 11.26
C ILE D 134 12.47 -2.12 10.24
N GLY D 135 13.05 -3.31 10.10
CA GLY D 135 12.53 -4.25 9.13
C GLY D 135 11.81 -5.41 9.78
N TYR D 136 10.66 -5.78 9.21
CA TYR D 136 9.88 -6.91 9.72
C TYR D 136 9.86 -7.95 8.62
N VAL D 137 10.03 -9.21 8.99
CA VAL D 137 10.00 -10.29 8.03
C VAL D 137 9.03 -11.29 8.65
N TYR D 138 8.00 -11.66 7.90
CA TYR D 138 7.04 -12.64 8.42
C TYR D 138 7.04 -13.80 7.44
N THR D 139 6.79 -14.99 7.95
CA THR D 139 6.67 -16.15 7.09
C THR D 139 5.19 -16.18 6.70
N ARG D 140 4.93 -16.25 5.41
CA ARG D 140 3.56 -16.27 4.93
C ARG D 140 2.83 -17.58 5.30
N VAL D 141 1.67 -17.47 5.96
CA VAL D 141 0.93 -18.67 6.31
C VAL D 141 0.35 -19.26 5.03
N ALA D 142 0.54 -20.57 4.85
CA ALA D 142 -0.02 -21.26 3.67
C ALA D 142 -1.55 -21.03 3.80
N THR D 143 -2.06 -21.47 4.96
CA THR D 143 -3.17 -20.72 5.58
C THR D 143 -2.83 -20.49 7.07
N SER D 147 -9.66 -15.71 7.27
CA SER D 147 -11.06 -15.96 7.61
C SER D 147 -11.92 -14.85 7.00
N LEU D 148 -13.16 -15.20 6.62
CA LEU D 148 -14.10 -14.24 6.03
C LEU D 148 -15.32 -14.13 6.94
N LYS D 149 -15.04 -14.29 8.24
CA LYS D 149 -16.02 -14.24 9.33
C LYS D 149 -15.61 -13.08 10.22
N THR D 150 -16.46 -12.70 11.17
CA THR D 150 -16.12 -11.67 12.13
C THR D 150 -16.15 -12.30 13.50
N TYR D 151 -15.65 -11.57 14.49
CA TYR D 151 -15.55 -12.11 15.84
C TYR D 151 -15.87 -11.10 16.87
N ASN D 152 -15.94 -11.59 18.11
CA ASN D 152 -16.25 -10.76 19.25
C ASN D 152 -15.07 -10.83 20.23
N ILE D 153 -15.06 -9.90 21.17
CA ILE D 153 -14.03 -9.78 22.20
C ILE D 153 -13.62 -11.05 22.95
N ASN D 154 -14.49 -12.06 22.99
CA ASN D 154 -14.20 -13.28 23.73
C ASN D 154 -13.69 -14.41 22.86
N GLU D 155 -13.58 -14.15 21.56
CA GLU D 155 -13.09 -15.15 20.62
C GLU D 155 -11.69 -14.81 20.07
N LEU D 156 -10.96 -13.93 20.75
CA LEU D 156 -9.61 -13.51 20.33
C LEU D 156 -8.67 -14.67 19.95
N ASN D 157 -8.71 -15.71 20.77
CA ASN D 157 -7.89 -16.90 20.60
C ASN D 157 -8.24 -17.73 19.38
N GLU D 158 -9.45 -17.56 18.85
CA GLU D 158 -9.88 -18.32 17.69
C GLU D 158 -9.60 -17.63 16.34
N ILE D 159 -9.31 -16.34 16.40
CA ILE D 159 -9.04 -15.60 15.18
C ILE D 159 -7.71 -16.06 14.56
N PRO D 160 -7.74 -16.52 13.30
CA PRO D 160 -6.49 -16.97 12.69
C PRO D 160 -5.49 -15.85 12.37
N LYS D 161 -4.21 -16.09 12.70
CA LYS D 161 -3.12 -15.12 12.45
C LYS D 161 -2.58 -15.32 11.03
N PRO D 162 -2.34 -14.21 10.31
CA PRO D 162 -1.84 -14.17 8.93
C PRO D 162 -0.33 -14.42 8.72
N TYR D 163 0.34 -14.90 9.75
CA TYR D 163 1.77 -15.13 9.68
C TYR D 163 2.17 -16.32 10.54
N LYS D 164 3.21 -17.03 10.12
CA LYS D 164 3.68 -18.17 10.90
C LYS D 164 4.65 -17.61 11.94
N GLY D 165 5.57 -16.76 11.50
CA GLY D 165 6.52 -16.17 12.42
C GLY D 165 6.83 -14.78 11.97
N VAL D 166 7.35 -13.96 12.87
CA VAL D 166 7.71 -12.57 12.56
C VAL D 166 9.06 -12.32 13.26
N LYS D 167 9.93 -11.58 12.57
CA LYS D 167 11.25 -11.19 13.07
C LYS D 167 11.42 -9.70 12.74
N VAL D 168 11.99 -8.95 13.68
CA VAL D 168 12.19 -7.53 13.48
C VAL D 168 13.64 -7.15 13.80
N PHE D 169 14.18 -6.17 13.06
CA PHE D 169 15.54 -5.68 13.28
C PHE D 169 15.57 -4.18 13.08
N LEU D 170 16.60 -3.55 13.61
CA LEU D 170 16.81 -2.12 13.43
C LEU D 170 18.24 -2.08 12.87
N GLN D 171 18.44 -1.39 11.76
CA GLN D 171 19.77 -1.33 11.17
C GLN D 171 19.84 -0.05 10.35
N ASP D 172 21.04 0.48 10.14
CA ASP D 172 21.15 1.70 9.33
C ASP D 172 20.81 1.34 7.88
N LYS D 173 20.24 2.28 7.16
CA LYS D 173 19.87 2.09 5.77
C LYS D 173 21.05 1.76 4.83
N TRP D 174 22.15 2.51 4.94
CA TRP D 174 23.30 2.31 4.06
C TRP D 174 23.93 0.96 4.26
N VAL D 175 23.95 0.53 5.51
CA VAL D 175 24.54 -0.74 5.90
C VAL D 175 23.90 -1.93 5.19
N ILE D 176 22.58 -1.88 4.98
CA ILE D 176 21.87 -2.98 4.33
C ILE D 176 21.55 -2.77 2.85
N ALA D 177 21.94 -1.61 2.31
CA ALA D 177 21.71 -1.35 0.91
C ALA D 177 22.58 -2.22 0.00
N GLY D 178 22.02 -2.55 -1.17
CA GLY D 178 22.69 -3.37 -2.14
C GLY D 178 22.98 -2.49 -3.33
N ASP D 179 23.38 -3.12 -4.44
CA ASP D 179 23.71 -2.41 -5.67
C ASP D 179 22.73 -2.63 -6.83
N LEU D 180 21.66 -3.39 -6.62
CA LEU D 180 20.65 -3.63 -7.68
C LEU D 180 19.32 -3.00 -7.21
N ALA D 181 18.61 -2.33 -8.11
CA ALA D 181 17.35 -1.66 -7.79
C ALA D 181 16.30 -2.58 -7.14
N GLY D 182 15.55 -2.01 -6.20
CA GLY D 182 14.50 -2.75 -5.52
C GLY D 182 13.27 -2.78 -6.40
N SER D 183 13.15 -1.82 -7.31
CA SER D 183 12.02 -1.75 -8.26
C SER D 183 12.42 -1.00 -9.53
N GLY D 184 11.77 -1.36 -10.65
CA GLY D 184 12.06 -0.72 -11.92
C GLY D 184 11.39 0.62 -12.13
N ASN D 185 10.14 0.61 -12.61
CA ASN D 185 9.40 1.84 -12.87
C ASN D 185 9.33 2.79 -11.70
N THR D 186 9.33 2.25 -10.49
CA THR D 186 9.22 3.13 -9.33
C THR D 186 10.55 3.46 -8.63
N THR D 187 11.64 3.24 -9.36
CA THR D 187 13.00 3.60 -8.93
C THR D 187 13.30 3.53 -7.42
N ASN D 188 13.33 2.31 -6.92
CA ASN D 188 13.61 2.10 -5.52
C ASN D 188 14.96 1.47 -5.34
N ILE D 189 15.59 1.78 -4.21
CA ILE D 189 16.87 1.19 -3.87
C ILE D 189 16.57 -0.23 -3.36
N GLY D 190 17.37 -1.20 -3.78
CA GLY D 190 17.19 -2.56 -3.31
C GLY D 190 18.18 -2.85 -2.18
N SER D 191 17.80 -3.77 -1.28
CA SER D 191 18.68 -4.15 -0.18
C SER D 191 19.55 -5.35 -0.58
N ILE D 192 20.44 -5.76 0.32
CA ILE D 192 21.25 -6.92 0.02
C ILE D 192 20.24 -8.05 0.03
N HIS D 193 20.52 -9.07 -0.72
CA HIS D 193 19.65 -10.23 -0.75
C HIS D 193 20.40 -11.19 0.17
N ALA D 194 19.97 -11.29 1.42
CA ALA D 194 20.68 -12.14 2.38
C ALA D 194 19.80 -12.65 3.51
N HIS D 195 20.37 -13.52 4.35
CA HIS D 195 19.68 -14.07 5.50
C HIS D 195 19.48 -12.97 6.53
N TYR D 196 18.44 -13.13 7.34
CA TYR D 196 18.05 -12.19 8.38
C TYR D 196 19.25 -11.77 9.24
N LYS D 197 20.09 -12.76 9.57
CA LYS D 197 21.29 -12.60 10.41
C LYS D 197 22.22 -11.49 9.94
N ASP D 198 22.40 -11.41 8.61
CA ASP D 198 23.24 -10.41 7.97
C ASP D 198 22.64 -9.00 8.05
N PHE D 199 21.32 -8.90 8.14
CA PHE D 199 20.70 -7.58 8.23
C PHE D 199 20.89 -7.11 9.66
N VAL D 200 20.76 -8.04 10.60
CA VAL D 200 20.92 -7.77 12.01
C VAL D 200 22.40 -7.45 12.30
N GLU D 201 23.30 -8.17 11.63
CA GLU D 201 24.73 -7.99 11.81
C GLU D 201 25.33 -6.92 10.92
N GLY D 202 24.56 -6.42 9.97
CA GLY D 202 25.07 -5.37 9.12
C GLY D 202 26.15 -5.81 8.15
N LYS D 203 26.04 -7.03 7.67
CA LYS D 203 26.99 -7.56 6.72
C LYS D 203 26.54 -7.11 5.35
N GLY D 204 26.93 -5.88 5.01
CA GLY D 204 26.58 -5.27 3.74
C GLY D 204 27.61 -5.36 2.63
N ILE D 205 27.51 -4.45 1.65
CA ILE D 205 28.43 -4.45 0.53
C ILE D 205 29.19 -3.13 0.31
N PHE D 206 28.63 -2.03 0.80
CA PHE D 206 29.25 -0.71 0.63
C PHE D 206 30.36 -0.51 1.66
N ASP D 207 31.40 0.23 1.28
CA ASP D 207 32.53 0.51 2.17
C ASP D 207 32.13 1.51 3.24
N SER D 208 31.24 2.42 2.85
CA SER D 208 30.78 3.45 3.75
C SER D 208 29.41 3.94 3.27
N GLU D 209 28.85 4.85 4.05
CA GLU D 209 27.59 5.49 3.74
C GLU D 209 27.81 6.47 2.59
N ASP D 210 29.00 7.07 2.55
CA ASP D 210 29.35 8.01 1.47
C ASP D 210 29.30 7.27 0.13
N GLU D 211 29.75 6.03 0.13
CA GLU D 211 29.75 5.21 -1.06
C GLU D 211 28.32 4.79 -1.44
N PHE D 212 27.50 4.47 -0.43
CA PHE D 212 26.09 4.09 -0.63
C PHE D 212 25.37 5.18 -1.37
N LEU D 213 25.43 6.39 -0.81
CA LEU D 213 24.75 7.53 -1.38
C LEU D 213 25.22 7.89 -2.77
N ASP D 214 26.52 7.86 -2.99
CA ASP D 214 27.05 8.23 -4.30
C ASP D 214 26.62 7.24 -5.37
N TYR D 215 26.62 5.97 -5.02
CA TYR D 215 26.22 4.93 -5.94
C TYR D 215 24.75 5.15 -6.37
N TRP D 216 23.87 5.33 -5.39
CA TRP D 216 22.46 5.51 -5.67
C TRP D 216 22.10 6.86 -6.31
N ARG D 217 22.93 7.88 -6.08
CA ARG D 217 22.70 9.18 -6.69
C ARG D 217 23.13 9.23 -8.14
N ASN D 218 23.95 8.28 -8.58
CA ASN D 218 24.45 8.28 -9.95
C ASN D 218 24.04 7.04 -10.73
N TYR D 219 23.16 6.25 -10.13
CA TYR D 219 22.63 5.03 -10.73
C TYR D 219 21.62 5.41 -11.82
N GLU D 220 21.77 4.82 -13.01
CA GLU D 220 20.87 5.11 -14.12
C GLU D 220 19.60 4.28 -13.98
N ARG D 221 18.48 4.86 -14.41
CA ARG D 221 17.16 4.22 -14.31
C ARG D 221 16.89 2.91 -15.05
N THR D 222 17.53 2.70 -16.20
CA THR D 222 17.27 1.48 -16.97
C THR D 222 18.56 0.91 -17.54
N SER D 223 18.61 -0.40 -17.70
CA SER D 223 19.80 -1.08 -18.19
C SER D 223 20.60 -0.39 -19.30
N GLN D 224 19.90 0.00 -20.36
CA GLN D 224 20.53 0.66 -21.48
C GLN D 224 21.44 1.76 -20.95
N LEU D 225 20.89 2.62 -20.12
CA LEU D 225 21.62 3.73 -19.55
C LEU D 225 22.80 3.26 -18.72
N ARG D 226 22.51 2.33 -17.82
CA ARG D 226 23.51 1.77 -16.92
C ARG D 226 24.70 1.13 -17.64
N ASN D 227 24.44 0.62 -18.83
CA ASN D 227 25.46 -0.04 -19.64
C ASN D 227 26.68 0.83 -19.95
N ASP D 228 26.49 2.15 -20.04
CA ASP D 228 27.62 3.03 -20.30
C ASP D 228 28.09 3.70 -19.01
N LYS D 229 27.82 3.08 -17.87
CA LYS D 229 28.20 3.66 -16.57
C LYS D 229 28.47 2.51 -15.60
N TYR D 230 27.46 2.05 -14.88
CA TYR D 230 27.65 0.91 -13.97
C TYR D 230 26.30 0.30 -13.58
N ASN D 231 26.33 -1.01 -13.36
CA ASN D 231 25.15 -1.80 -13.00
C ASN D 231 25.35 -2.51 -11.68
N ASN D 232 26.57 -2.44 -11.13
CA ASN D 232 26.90 -3.10 -9.87
C ASN D 232 28.05 -2.38 -9.17
N ILE D 233 28.32 -2.78 -7.93
CA ILE D 233 29.35 -2.14 -7.11
C ILE D 233 30.75 -2.16 -7.75
N SER D 234 31.08 -3.25 -8.43
CA SER D 234 32.37 -3.34 -9.10
C SER D 234 32.45 -2.32 -10.24
N GLU D 235 31.40 -2.21 -11.01
CA GLU D 235 31.40 -1.29 -12.12
C GLU D 235 31.41 0.16 -11.66
N TYR D 236 30.78 0.41 -10.53
CA TYR D 236 30.71 1.74 -9.95
C TYR D 236 32.14 2.11 -9.53
N ARG D 237 32.82 1.15 -8.90
CA ARG D 237 34.20 1.35 -8.44
C ARG D 237 35.10 1.61 -9.63
N ASN D 238 34.79 0.98 -10.76
CA ASN D 238 35.55 1.22 -11.97
C ASN D 238 35.19 2.58 -12.60
N TRP D 239 33.91 2.96 -12.49
CA TRP D 239 33.39 4.25 -13.01
C TRP D 239 34.13 5.38 -12.27
N ILE D 240 34.31 5.17 -10.96
CA ILE D 240 35.03 6.09 -10.08
C ILE D 240 36.47 6.24 -10.56
N TYR D 241 37.15 5.13 -10.80
CA TYR D 241 38.52 5.15 -11.30
C TYR D 241 38.61 5.93 -12.62
N ARG D 242 37.73 5.61 -13.58
CA ARG D 242 37.72 6.27 -14.87
C ARG D 242 37.55 7.78 -14.77
N GLY D 243 37.15 8.25 -13.58
CA GLY D 243 36.99 9.67 -13.34
C GLY D 243 35.55 10.16 -13.33
N ARG D 244 34.62 9.25 -12.99
CA ARG D 244 33.17 9.57 -12.94
C ARG D 244 32.80 9.93 -14.38
N LYS D 245 33.86 9.24 -15.25
CA LYS D 245 33.86 9.47 -16.73
C LYS D 245 33.75 8.10 -17.42
#